data_5EAD
#
_entry.id   5EAD
#
_cell.length_a   78.270
_cell.length_b   67.180
_cell.length_c   80.910
_cell.angle_alpha   90.000
_cell.angle_beta   99.090
_cell.angle_gamma   90.000
#
_symmetry.space_group_name_H-M   'P 1 21 1'
#
loop_
_entity.id
_entity.type
_entity.pdbx_description
1 polymer 'Lanosterol 14-alpha demethylase'
2 non-polymer 'PROTOPORPHYRIN IX CONTAINING FE'
3 non-polymer (2~{S})-2-(1-chloranylcyclopropyl)-1-(2-chlorophenyl)-3-(1,2,4-triazol-1-yl)propan-2-ol
4 water water
#
_entity_poly.entity_id   1
_entity_poly.type   'polypeptide(L)'
_entity_poly.pdbx_seq_one_letter_code
;MSATKSIVGEALEYVNIGLSHFLALPLAQRISLIIIIPFIYNIVWQLLYSLRKDRPPLVFYWIPWVGSAVVYGMKPYEFF
EECQKKYGDIFSFVLLGRVMTVYLGPKGHEFVFNAKLADVSAEAAYAHLTTPVFGKGVIYDCPNSRLMEQKKFVKGALTK
EAFKSYVPLIAEEVYKYFRDSKNFRLNERTTGTIDVMVTQPEMTIFTASRSLLGKEMRAKLDTDFAYLYSDLDKGFTPIN
FVFPNLPLEHYRKRDHAQKAISGTYMSLIKERRKNNDIQDRDLIDSLMKNSTYKDGVKMTDQEIANLLIGVLMGGQHTSA
ATSAWILLHLAERPDVQQELYEEQMRVLDGGKKELTYDLLQEMPLLNQTIKETLRMHHPLHSLFRKVMKDMHVPNTSYVI
PAGYHVLVSPGYTHLRDEYFPNAHQFNIHRWNNDSASSYSVGEEVDYGFGAISKGVSSPYLPFGGGRHRCIGEHFAYCQL
GVLMSIFIRTLKWHYPEGKTVPPPDFTSMVTLPTGPAKIIWEKRNPEQKIGGRHHHHHH
;
_entity_poly.pdbx_strand_id   A
#
loop_
_chem_comp.id
_chem_comp.type
_chem_comp.name
_chem_comp.formula
5L9 non-polymer (2~{S})-2-(1-chloranylcyclopropyl)-1-(2-chlorophenyl)-3-(1,2,4-triazol-1-yl)propan-2-ol 'C14 H15 Cl2 N3 O'
HEM non-polymer 'PROTOPORPHYRIN IX CONTAINING FE' 'C34 H32 Fe N4 O4'
#
# COMPACT_ATOMS: atom_id res chain seq x y z
N SER A 6 37.33 -55.52 17.44
CA SER A 6 37.16 -54.11 17.09
C SER A 6 36.47 -53.97 15.74
N ILE A 7 35.16 -54.25 15.71
CA ILE A 7 34.42 -54.30 14.45
C ILE A 7 33.22 -53.34 14.40
N VAL A 8 33.44 -52.20 13.76
CA VAL A 8 32.36 -51.28 13.39
C VAL A 8 31.75 -51.77 12.08
N GLY A 9 32.50 -52.64 11.40
CA GLY A 9 32.06 -53.25 10.16
C GLY A 9 30.69 -53.87 10.29
N GLU A 10 30.47 -54.60 11.38
CA GLU A 10 29.16 -55.20 11.67
C GLU A 10 28.06 -54.14 11.79
N ALA A 11 28.42 -52.99 12.34
CA ALA A 11 27.45 -51.91 12.51
C ALA A 11 27.13 -51.25 11.17
N LEU A 12 28.14 -51.13 10.32
CA LEU A 12 27.94 -50.56 9.00
C LEU A 12 27.03 -51.47 8.15
N GLU A 13 27.16 -52.79 8.33
CA GLU A 13 26.29 -53.74 7.64
C GLU A 13 24.84 -53.50 8.08
N TYR A 14 24.63 -53.20 9.36
CA TYR A 14 23.27 -53.06 9.87
C TYR A 14 22.67 -51.71 9.45
N VAL A 15 23.51 -50.72 9.20
CA VAL A 15 23.01 -49.50 8.56
C VAL A 15 22.36 -49.82 7.22
N ASN A 16 23.08 -50.58 6.41
CA ASN A 16 22.58 -50.99 5.11
C ASN A 16 21.34 -51.83 5.23
N ILE A 17 21.36 -52.79 6.14
CA ILE A 17 20.19 -53.61 6.42
C ILE A 17 18.99 -52.76 6.84
N GLY A 18 19.22 -51.80 7.73
CA GLY A 18 18.17 -50.93 8.23
C GLY A 18 17.58 -50.10 7.11
N LEU A 19 18.44 -49.59 6.25
CA LEU A 19 17.98 -48.88 5.04
C LEU A 19 17.04 -49.72 4.18
N SER A 20 17.38 -50.97 3.94
CA SER A 20 16.53 -51.81 3.09
C SER A 20 15.22 -52.16 3.79
N HIS A 21 15.26 -52.31 5.11
CA HIS A 21 14.05 -52.58 5.86
C HIS A 21 13.17 -51.35 5.93
N PHE A 22 13.80 -50.17 5.85
CA PHE A 22 13.04 -48.93 5.76
C PHE A 22 12.23 -48.89 4.46
N LEU A 23 12.92 -49.13 3.35
CA LEU A 23 12.30 -49.01 2.03
C LEU A 23 11.17 -50.01 1.86
N ALA A 24 11.17 -51.05 2.69
CA ALA A 24 10.15 -52.10 2.64
C ALA A 24 9.04 -51.92 3.68
N LEU A 25 9.03 -50.78 4.37
CA LEU A 25 7.95 -50.50 5.30
C LEU A 25 6.61 -50.41 4.56
N PRO A 26 5.51 -50.78 5.23
CA PRO A 26 4.17 -50.63 4.66
C PRO A 26 3.84 -49.16 4.37
N LEU A 27 3.13 -48.90 3.28
CA LEU A 27 2.81 -47.54 2.82
C LEU A 27 2.26 -46.64 3.93
N ALA A 28 1.53 -47.23 4.87
CA ALA A 28 0.94 -46.49 5.97
C ALA A 28 2.01 -45.89 6.87
N GLN A 29 3.17 -46.55 6.93
CA GLN A 29 4.23 -46.12 7.82
C GLN A 29 5.19 -45.17 7.12
N ARG A 30 5.39 -45.38 5.82
CA ARG A 30 6.23 -44.46 5.04
C ARG A 30 5.58 -43.09 5.02
N ILE A 31 4.30 -43.04 4.65
CA ILE A 31 3.51 -41.82 4.71
C ILE A 31 3.60 -41.18 6.08
N SER A 32 3.54 -42.01 7.11
CA SER A 32 3.69 -41.54 8.48
C SER A 32 5.05 -40.87 8.67
N LEU A 33 6.12 -41.64 8.39
CA LEU A 33 7.49 -41.12 8.50
C LEU A 33 7.74 -39.97 7.53
N ILE A 34 7.03 -39.98 6.41
CA ILE A 34 7.06 -38.87 5.46
C ILE A 34 6.70 -37.57 6.17
N ILE A 35 5.84 -37.67 7.19
CA ILE A 35 5.40 -36.53 7.97
C ILE A 35 6.14 -36.40 9.31
N ILE A 36 6.47 -37.52 9.94
CA ILE A 36 7.14 -37.47 11.24
C ILE A 36 8.56 -36.94 11.11
N ILE A 37 9.30 -37.38 10.08
CA ILE A 37 10.71 -37.01 10.00
C ILE A 37 10.95 -35.51 9.71
N PRO A 38 10.10 -34.86 8.88
CA PRO A 38 10.42 -33.43 8.74
C PRO A 38 9.92 -32.61 9.92
N PHE A 39 8.80 -33.05 10.49
CA PHE A 39 8.25 -32.43 11.69
C PHE A 39 9.27 -32.47 12.82
N ILE A 40 9.87 -33.64 13.03
CA ILE A 40 10.87 -33.80 14.07
C ILE A 40 12.12 -32.98 13.78
N TYR A 41 12.64 -33.10 12.55
CA TYR A 41 13.87 -32.41 12.17
C TYR A 41 13.75 -30.90 12.35
N ASN A 42 12.62 -30.35 11.92
CA ASN A 42 12.31 -28.94 12.07
C ASN A 42 12.45 -28.49 13.53
N ILE A 43 11.92 -29.28 14.46
CA ILE A 43 11.97 -28.96 15.88
C ILE A 43 13.39 -29.01 16.48
N VAL A 44 14.20 -30.01 16.11
CA VAL A 44 15.57 -30.05 16.62
C VAL A 44 16.43 -28.97 15.96
N TRP A 45 16.09 -28.59 14.73
CA TRP A 45 16.82 -27.54 14.05
C TRP A 45 16.61 -26.19 14.73
N GLN A 46 15.38 -25.88 15.14
CA GLN A 46 15.09 -24.64 15.86
C GLN A 46 15.85 -24.59 17.18
N LEU A 47 15.82 -25.68 17.93
CA LEU A 47 16.51 -25.74 19.22
C LEU A 47 18.00 -25.48 19.04
N LEU A 48 18.59 -26.04 17.99
CA LEU A 48 19.99 -25.78 17.68
C LEU A 48 20.21 -24.32 17.26
N TYR A 49 19.28 -23.81 16.45
CA TYR A 49 19.32 -22.43 16.00
C TYR A 49 19.35 -21.43 17.16
N SER A 50 18.58 -21.73 18.20
CA SER A 50 18.46 -20.86 19.36
C SER A 50 19.80 -20.66 20.09
N LEU A 51 20.73 -21.58 19.87
CA LEU A 51 22.04 -21.51 20.52
C LEU A 51 22.98 -20.52 19.84
N ARG A 52 22.66 -20.18 18.59
CA ARG A 52 23.48 -19.24 17.83
C ARG A 52 23.38 -17.83 18.40
N LYS A 53 24.52 -17.22 18.65
CA LYS A 53 24.60 -15.87 19.21
C LYS A 53 24.55 -14.79 18.13
N ASP A 54 24.83 -15.17 16.89
CA ASP A 54 24.85 -14.21 15.78
C ASP A 54 23.53 -14.17 15.01
N ARG A 55 22.49 -14.76 15.56
CA ARG A 55 21.16 -14.74 14.95
C ARG A 55 20.14 -14.15 15.90
N PRO A 56 19.26 -13.27 15.38
CA PRO A 56 18.14 -12.83 16.22
C PRO A 56 17.29 -14.02 16.61
N PRO A 57 16.58 -13.92 17.74
CA PRO A 57 15.70 -15.01 18.16
C PRO A 57 14.68 -15.34 17.07
N LEU A 58 14.43 -16.62 16.87
CA LEU A 58 13.50 -17.07 15.85
C LEU A 58 12.21 -17.56 16.49
N VAL A 59 11.09 -16.99 16.07
CA VAL A 59 9.80 -17.36 16.63
C VAL A 59 9.52 -18.85 16.41
N PHE A 60 9.16 -19.55 17.49
CA PHE A 60 8.94 -20.98 17.41
C PHE A 60 7.68 -21.30 16.61
N TYR A 61 7.74 -22.34 15.78
CA TYR A 61 6.61 -22.76 14.97
C TYR A 61 6.54 -24.28 14.84
N TRP A 62 5.33 -24.82 14.67
CA TRP A 62 5.13 -26.27 14.62
C TRP A 62 5.19 -26.85 13.20
N ILE A 63 4.49 -26.19 12.27
CA ILE A 63 4.43 -26.66 10.90
C ILE A 63 5.61 -26.16 10.07
N PRO A 64 6.42 -27.10 9.53
CA PRO A 64 7.54 -26.71 8.66
C PRO A 64 7.04 -26.01 7.39
N TRP A 65 7.91 -25.16 6.83
CA TRP A 65 7.59 -24.32 5.67
C TRP A 65 6.58 -23.23 5.98
N VAL A 66 5.38 -23.62 6.43
CA VAL A 66 4.31 -22.68 6.76
C VAL A 66 4.75 -21.64 7.80
N GLY A 67 5.35 -22.10 8.91
CA GLY A 67 5.89 -21.19 9.90
C GLY A 67 4.81 -20.44 10.65
N SER A 68 5.04 -19.15 10.89
CA SER A 68 4.07 -18.32 11.59
C SER A 68 3.08 -17.62 10.64
N ALA A 69 2.95 -18.14 9.41
CA ALA A 69 2.14 -17.52 8.35
C ALA A 69 0.73 -17.16 8.79
N VAL A 70 0.08 -18.09 9.48
CA VAL A 70 -1.31 -17.91 9.88
C VAL A 70 -1.50 -16.74 10.83
N VAL A 71 -0.73 -16.71 11.91
CA VAL A 71 -0.91 -15.64 12.89
C VAL A 71 -0.40 -14.31 12.33
N TYR A 72 0.67 -14.35 11.52
CA TYR A 72 1.18 -13.13 10.93
C TYR A 72 0.22 -12.59 9.88
N GLY A 73 -0.31 -13.48 9.05
CA GLY A 73 -1.26 -13.09 8.02
C GLY A 73 -2.54 -12.46 8.54
N MET A 74 -3.03 -12.94 9.68
CA MET A 74 -4.33 -12.49 10.17
C MET A 74 -4.24 -11.33 11.16
N LYS A 75 -3.22 -11.33 12.00
CA LYS A 75 -3.06 -10.28 13.01
C LYS A 75 -1.60 -9.85 13.18
N PRO A 76 -1.01 -9.23 12.15
CA PRO A 76 0.41 -8.90 12.14
C PRO A 76 0.85 -8.03 13.31
N TYR A 77 0.06 -7.02 13.70
CA TYR A 77 0.50 -6.15 14.78
C TYR A 77 0.39 -6.85 16.15
N GLU A 78 -0.60 -7.72 16.31
CA GLU A 78 -0.69 -8.47 17.58
C GLU A 78 0.46 -9.46 17.64
N PHE A 79 0.85 -9.97 16.48
CA PHE A 79 1.97 -10.89 16.38
C PHE A 79 3.26 -10.18 16.79
N PHE A 80 3.48 -8.99 16.24
CA PHE A 80 4.68 -8.20 16.54
C PHE A 80 4.73 -7.81 18.01
N GLU A 81 3.60 -7.46 18.60
CA GLU A 81 3.60 -7.03 19.99
C GLU A 81 4.00 -8.18 20.92
N GLU A 82 3.47 -9.38 20.65
CA GLU A 82 3.82 -10.53 21.47
C GLU A 82 5.29 -10.89 21.30
N CYS A 83 5.75 -10.97 20.05
CA CYS A 83 7.17 -11.20 19.79
C CYS A 83 8.04 -10.11 20.44
N GLN A 84 7.59 -8.86 20.40
CA GLN A 84 8.37 -7.76 20.96
C GLN A 84 8.52 -7.92 22.49
N LYS A 85 7.47 -8.41 23.16
CA LYS A 85 7.55 -8.62 24.60
C LYS A 85 8.50 -9.75 24.94
N LYS A 86 8.45 -10.83 24.18
CA LYS A 86 9.27 -12.00 24.44
C LYS A 86 10.73 -11.80 24.05
N TYR A 87 10.96 -11.18 22.90
CA TYR A 87 12.30 -11.16 22.30
C TYR A 87 12.93 -9.79 22.21
N GLY A 88 12.14 -8.73 22.32
CA GLY A 88 12.62 -7.39 22.03
C GLY A 88 12.33 -6.98 20.59
N ASP A 89 13.12 -6.03 20.08
CA ASP A 89 12.78 -5.34 18.84
C ASP A 89 13.24 -6.03 17.55
N ILE A 90 14.18 -6.96 17.65
CA ILE A 90 14.64 -7.71 16.49
C ILE A 90 14.38 -9.18 16.69
N PHE A 91 13.65 -9.78 15.76
CA PHE A 91 13.34 -11.20 15.85
C PHE A 91 13.02 -11.73 14.46
N SER A 92 13.12 -13.04 14.29
CA SER A 92 12.86 -13.65 13.00
C SER A 92 11.69 -14.58 13.10
N PHE A 93 11.02 -14.82 11.98
CA PHE A 93 9.98 -15.82 11.94
C PHE A 93 9.92 -16.43 10.56
N VAL A 94 9.44 -17.66 10.47
CA VAL A 94 9.38 -18.34 9.20
C VAL A 94 8.00 -18.10 8.57
N LEU A 95 8.01 -17.86 7.26
CA LEU A 95 6.80 -17.46 6.54
C LEU A 95 6.79 -18.10 5.15
N LEU A 96 5.98 -19.15 5.00
CA LEU A 96 5.82 -19.84 3.72
C LEU A 96 7.14 -20.11 3.01
N GLY A 97 8.07 -20.73 3.73
CA GLY A 97 9.36 -21.09 3.16
C GLY A 97 10.44 -20.03 3.26
N ARG A 98 10.08 -18.86 3.76
CA ARG A 98 11.03 -17.76 3.87
C ARG A 98 11.33 -17.44 5.33
N VAL A 99 12.53 -16.95 5.60
CA VAL A 99 12.82 -16.38 6.91
C VAL A 99 12.72 -14.85 6.84
N MET A 100 11.83 -14.29 7.65
CA MET A 100 11.65 -12.85 7.75
C MET A 100 12.28 -12.32 9.03
N THR A 101 13.21 -11.36 8.91
CA THR A 101 13.74 -10.70 10.10
C THR A 101 13.11 -9.33 10.29
N VAL A 102 12.36 -9.19 11.37
CA VAL A 102 11.65 -7.96 11.71
C VAL A 102 12.50 -7.09 12.61
N TYR A 103 12.66 -5.82 12.27
CA TYR A 103 13.32 -4.86 13.16
C TYR A 103 12.32 -3.74 13.49
N LEU A 104 11.72 -3.81 14.67
CA LEU A 104 10.69 -2.87 15.10
C LEU A 104 11.26 -1.50 15.55
N GLY A 105 10.46 -0.46 15.36
CA GLY A 105 10.81 0.87 15.84
C GLY A 105 11.70 1.64 14.90
N PRO A 106 11.99 2.90 15.26
CA PRO A 106 12.80 3.82 14.46
C PRO A 106 14.15 3.26 14.00
N LYS A 107 14.85 2.51 14.86
CA LYS A 107 16.12 1.90 14.46
C LYS A 107 15.88 0.88 13.37
N GLY A 108 14.73 0.21 13.45
CA GLY A 108 14.30 -0.68 12.39
C GLY A 108 14.10 0.05 11.07
N HIS A 109 13.46 1.22 11.13
CA HIS A 109 13.28 2.04 9.93
C HIS A 109 14.64 2.34 9.31
N GLU A 110 15.60 2.78 10.13
CA GLU A 110 16.95 3.08 9.64
C GLU A 110 17.63 1.86 9.03
N PHE A 111 17.60 0.74 9.76
CA PHE A 111 18.22 -0.49 9.30
C PHE A 111 17.73 -0.93 7.91
N VAL A 112 16.43 -0.80 7.66
CA VAL A 112 15.87 -1.31 6.42
C VAL A 112 15.70 -0.22 5.35
N PHE A 113 15.02 0.88 5.68
CA PHE A 113 14.78 1.92 4.67
C PHE A 113 16.07 2.59 4.18
N ASN A 114 17.06 2.72 5.06
CA ASN A 114 18.32 3.34 4.69
C ASN A 114 19.43 2.34 4.43
N ALA A 115 19.08 1.07 4.31
CA ALA A 115 20.03 0.03 3.97
C ALA A 115 20.75 0.33 2.65
N LYS A 116 22.02 -0.06 2.59
CA LYS A 116 22.81 0.09 1.39
C LYS A 116 22.17 -0.63 0.20
N LEU A 117 22.27 -0.02 -0.98
CA LEU A 117 21.74 -0.60 -2.20
C LEU A 117 22.24 -2.02 -2.48
N ALA A 118 23.49 -2.30 -2.14
CA ALA A 118 24.05 -3.63 -2.32
C ALA A 118 23.63 -4.62 -1.23
N ASP A 119 23.16 -4.12 -0.09
CA ASP A 119 22.77 -5.03 1.00
C ASP A 119 21.41 -5.69 0.82
N VAL A 120 20.46 -4.98 0.21
CA VAL A 120 19.08 -5.47 0.16
C VAL A 120 18.47 -5.16 -1.19
N SER A 121 17.42 -5.90 -1.52
CA SER A 121 16.73 -5.72 -2.79
C SER A 121 15.22 -5.66 -2.59
N ALA A 122 14.61 -4.54 -2.96
CA ALA A 122 13.14 -4.46 -2.98
C ALA A 122 12.59 -5.30 -4.13
N GLU A 123 13.18 -5.17 -5.32
CA GLU A 123 12.57 -5.81 -6.49
C GLU A 123 12.60 -7.34 -6.35
N ALA A 124 13.58 -7.87 -5.64
CA ALA A 124 13.68 -9.31 -5.43
C ALA A 124 12.62 -9.81 -4.45
N ALA A 125 12.15 -8.93 -3.57
CA ALA A 125 11.03 -9.26 -2.68
C ALA A 125 9.68 -9.08 -3.36
N TYR A 126 9.56 -8.08 -4.23
CA TYR A 126 8.24 -7.65 -4.72
C TYR A 126 7.87 -8.02 -6.16
N ALA A 127 8.85 -8.31 -7.02
CA ALA A 127 8.59 -8.47 -8.47
C ALA A 127 7.48 -9.47 -8.78
N HIS A 128 7.39 -10.52 -7.97
CA HIS A 128 6.43 -11.58 -8.24
C HIS A 128 5.01 -11.12 -7.96
N LEU A 129 4.89 -10.14 -7.07
CA LEU A 129 3.59 -9.57 -6.77
C LEU A 129 3.12 -8.59 -7.85
N THR A 130 4.04 -7.75 -8.33
CA THR A 130 3.66 -6.59 -9.15
C THR A 130 3.84 -6.79 -10.66
N THR A 131 4.92 -7.46 -11.06
CA THR A 131 5.20 -7.63 -12.50
C THR A 131 4.03 -8.28 -13.28
N PRO A 132 3.39 -9.35 -12.71
CA PRO A 132 2.24 -9.91 -13.44
C PRO A 132 1.09 -8.93 -13.60
N VAL A 133 0.94 -8.02 -12.64
CA VAL A 133 -0.17 -7.09 -12.66
C VAL A 133 0.10 -5.88 -13.56
N PHE A 134 1.28 -5.27 -13.43
CA PHE A 134 1.60 -4.04 -14.14
C PHE A 134 2.13 -4.28 -15.58
N GLY A 135 2.96 -5.31 -15.73
CA GLY A 135 3.63 -5.56 -17.02
C GLY A 135 5.14 -5.50 -16.90
N LYS A 136 5.84 -5.79 -17.99
CA LYS A 136 7.29 -5.88 -17.97
C LYS A 136 8.02 -4.54 -18.05
N GLY A 137 9.27 -4.55 -17.60
CA GLY A 137 10.19 -3.46 -17.85
C GLY A 137 10.10 -2.29 -16.86
N VAL A 138 9.11 -2.33 -15.95
CA VAL A 138 8.95 -1.21 -15.02
C VAL A 138 8.80 -1.61 -13.54
N ILE A 139 8.95 -0.61 -12.67
CA ILE A 139 8.84 -0.75 -11.21
C ILE A 139 9.81 -1.79 -10.64
N TYR A 140 9.38 -3.03 -10.50
CA TYR A 140 10.28 -4.05 -9.96
C TYR A 140 10.79 -5.06 -11.02
N ASP A 141 10.41 -4.87 -12.28
CA ASP A 141 10.88 -5.71 -13.39
C ASP A 141 12.00 -5.00 -14.14
N CYS A 142 12.98 -4.53 -13.40
CA CYS A 142 14.03 -3.68 -13.94
C CYS A 142 15.00 -3.39 -12.81
N PRO A 143 16.24 -3.02 -13.16
CA PRO A 143 17.24 -2.61 -12.15
C PRO A 143 16.79 -1.39 -11.32
N ASN A 144 17.30 -1.27 -10.10
CA ASN A 144 16.94 -0.14 -9.23
C ASN A 144 17.21 1.20 -9.90
N SER A 145 18.29 1.30 -10.66
CA SER A 145 18.61 2.56 -11.33
C SER A 145 17.49 2.98 -12.28
N ARG A 146 16.84 1.99 -12.90
CA ARG A 146 15.71 2.28 -13.78
C ARG A 146 14.47 2.76 -12.97
N LEU A 147 14.16 2.05 -11.90
CA LEU A 147 13.09 2.49 -10.98
C LEU A 147 13.27 3.94 -10.50
N MET A 148 14.50 4.32 -10.12
CA MET A 148 14.77 5.68 -9.64
C MET A 148 14.37 6.73 -10.68
N GLU A 149 14.74 6.47 -11.94
CA GLU A 149 14.39 7.39 -13.01
C GLU A 149 12.91 7.34 -13.40
N GLN A 150 12.28 6.18 -13.30
CA GLN A 150 10.82 6.11 -13.52
C GLN A 150 10.11 6.96 -12.47
N LYS A 151 10.64 6.94 -11.25
CA LYS A 151 10.02 7.73 -10.17
C LYS A 151 10.18 9.22 -10.48
N LYS A 152 11.34 9.58 -11.02
CA LYS A 152 11.61 10.95 -11.45
C LYS A 152 10.64 11.41 -12.54
N PHE A 153 10.41 10.55 -13.55
CA PHE A 153 9.46 10.85 -14.62
C PHE A 153 8.04 11.08 -14.09
N VAL A 154 7.57 10.20 -13.22
CA VAL A 154 6.21 10.36 -12.68
C VAL A 154 6.13 11.62 -11.78
N LYS A 155 7.15 11.83 -10.94
CA LYS A 155 7.18 12.99 -10.04
C LYS A 155 7.17 14.29 -10.83
N GLY A 156 7.67 14.22 -12.07
CA GLY A 156 7.64 15.36 -12.97
C GLY A 156 6.27 15.82 -13.40
N ALA A 157 5.28 14.92 -13.36
CA ALA A 157 3.90 15.33 -13.56
C ALA A 157 3.17 15.68 -12.25
N LEU A 158 3.82 15.49 -11.11
CA LEU A 158 3.16 15.70 -9.82
C LEU A 158 3.67 16.99 -9.17
N THR A 159 3.52 18.09 -9.89
CA THR A 159 4.03 19.38 -9.45
C THR A 159 2.90 20.21 -8.85
N LYS A 160 3.25 21.29 -8.17
CA LYS A 160 2.23 22.20 -7.61
C LYS A 160 1.29 22.72 -8.70
N GLU A 161 1.88 23.06 -9.85
CA GLU A 161 1.08 23.49 -11.01
C GLU A 161 0.12 22.40 -11.48
N ALA A 162 0.58 21.15 -11.53
CA ALA A 162 -0.33 20.07 -11.90
C ALA A 162 -1.47 19.96 -10.87
N PHE A 163 -1.16 19.98 -9.58
CA PHE A 163 -2.22 19.91 -8.54
C PHE A 163 -3.23 21.05 -8.63
N LYS A 164 -2.77 22.24 -9.01
CA LYS A 164 -3.69 23.36 -9.17
C LYS A 164 -4.69 23.05 -10.27
N SER A 165 -4.24 22.36 -11.31
CA SER A 165 -5.14 22.01 -12.39
C SER A 165 -5.96 20.75 -12.06
N TYR A 166 -5.42 19.84 -11.25
CA TYR A 166 -6.18 18.63 -10.88
C TYR A 166 -7.34 18.93 -9.93
N VAL A 167 -7.21 19.94 -9.07
CA VAL A 167 -8.22 20.15 -8.01
C VAL A 167 -9.62 20.35 -8.62
N PRO A 168 -9.79 21.28 -9.57
CA PRO A 168 -11.15 21.41 -10.13
C PRO A 168 -11.66 20.16 -10.89
N LEU A 169 -10.74 19.35 -11.42
CA LEU A 169 -11.13 18.14 -12.15
C LEU A 169 -11.62 17.06 -11.17
N ILE A 170 -10.89 16.93 -10.07
CA ILE A 170 -11.21 16.00 -9.01
C ILE A 170 -12.55 16.42 -8.37
N ALA A 171 -12.73 17.72 -8.19
CA ALA A 171 -13.98 18.23 -7.61
C ALA A 171 -15.15 17.92 -8.55
N GLU A 172 -14.96 18.16 -9.85
CA GLU A 172 -16.01 17.81 -10.82
C GLU A 172 -16.41 16.33 -10.69
N GLU A 173 -15.42 15.43 -10.60
CA GLU A 173 -15.71 14.00 -10.45
C GLU A 173 -16.45 13.65 -9.16
N VAL A 174 -16.10 14.30 -8.05
CA VAL A 174 -16.81 13.99 -6.82
C VAL A 174 -18.29 14.40 -6.94
N TYR A 175 -18.51 15.61 -7.44
CA TYR A 175 -19.88 16.10 -7.60
C TYR A 175 -20.65 15.24 -8.58
N LYS A 176 -19.97 14.75 -9.62
CA LYS A 176 -20.63 13.91 -10.60
C LYS A 176 -21.02 12.61 -9.94
N TYR A 177 -20.14 12.08 -9.07
CA TYR A 177 -20.44 10.84 -8.37
C TYR A 177 -21.63 11.01 -7.39
N PHE A 178 -21.67 12.14 -6.67
CA PHE A 178 -22.81 12.44 -5.81
C PHE A 178 -24.11 12.56 -6.64
N ARG A 179 -24.00 13.16 -7.82
CA ARG A 179 -25.16 13.32 -8.68
C ARG A 179 -25.62 12.00 -9.31
N ASP A 180 -24.68 11.23 -9.85
CA ASP A 180 -25.07 10.12 -10.73
C ASP A 180 -25.08 8.74 -10.08
N SER A 181 -24.22 8.52 -9.08
CA SER A 181 -24.06 7.17 -8.55
C SER A 181 -25.31 6.74 -7.83
N LYS A 182 -25.63 5.44 -7.96
CA LYS A 182 -26.75 4.82 -7.25
C LYS A 182 -26.59 4.89 -5.73
N ASN A 183 -25.35 5.09 -5.29
CA ASN A 183 -25.08 5.12 -3.88
C ASN A 183 -25.52 6.43 -3.25
N PHE A 184 -25.63 7.47 -4.07
CA PHE A 184 -26.06 8.77 -3.57
C PHE A 184 -27.34 9.29 -4.29
N ARG A 185 -27.19 9.84 -5.50
CA ARG A 185 -28.26 10.54 -6.23
C ARG A 185 -28.78 11.74 -5.44
N LEU A 186 -27.92 12.71 -5.15
CA LEU A 186 -28.30 13.75 -4.18
C LEU A 186 -29.43 14.65 -4.68
N ASN A 187 -29.73 14.61 -5.98
CA ASN A 187 -30.87 15.40 -6.50
C ASN A 187 -32.20 14.70 -6.27
N GLU A 188 -32.14 13.42 -5.93
CA GLU A 188 -33.34 12.61 -5.77
C GLU A 188 -33.55 12.17 -4.34
N ARG A 189 -32.46 12.10 -3.57
CA ARG A 189 -32.49 11.54 -2.24
C ARG A 189 -31.71 12.45 -1.27
N THR A 190 -32.21 12.60 -0.05
CA THR A 190 -31.60 13.51 0.92
C THR A 190 -30.92 12.72 2.05
N THR A 191 -31.13 11.40 2.04
CA THR A 191 -30.44 10.51 2.99
C THR A 191 -30.34 9.11 2.38
N GLY A 192 -29.42 8.30 2.90
CA GLY A 192 -29.23 6.97 2.36
C GLY A 192 -28.12 6.25 3.09
N THR A 193 -27.98 4.97 2.81
CA THR A 193 -26.93 4.17 3.44
C THR A 193 -25.93 3.71 2.37
N ILE A 194 -24.64 3.84 2.66
CA ILE A 194 -23.63 3.31 1.75
C ILE A 194 -22.67 2.39 2.43
N ASP A 195 -22.08 1.50 1.64
CA ASP A 195 -20.95 0.69 2.07
C ASP A 195 -19.70 1.45 1.61
N VAL A 196 -18.86 1.92 2.53
CA VAL A 196 -17.73 2.75 2.11
C VAL A 196 -16.71 1.95 1.33
N MET A 197 -16.73 0.62 1.44
CA MET A 197 -15.82 -0.19 0.64
C MET A 197 -16.40 -0.43 -0.75
N VAL A 198 -17.59 0.11 -1.00
CA VAL A 198 -18.11 0.14 -2.36
C VAL A 198 -17.85 1.51 -2.98
N THR A 199 -18.19 2.57 -2.26
CA THR A 199 -18.09 3.92 -2.82
C THR A 199 -16.66 4.44 -2.98
N GLN A 200 -15.80 4.20 -1.99
CA GLN A 200 -14.47 4.81 -2.07
C GLN A 200 -13.59 4.24 -3.21
N PRO A 201 -13.60 2.92 -3.46
CA PRO A 201 -12.85 2.48 -4.64
C PRO A 201 -13.33 3.13 -5.94
N GLU A 202 -14.64 3.32 -6.09
CA GLU A 202 -15.19 3.95 -7.28
C GLU A 202 -14.82 5.42 -7.36
N MET A 203 -14.99 6.15 -6.24
CA MET A 203 -14.63 7.56 -6.23
C MET A 203 -13.14 7.73 -6.47
N THR A 204 -12.36 6.81 -5.94
CA THR A 204 -10.91 6.89 -6.07
C THR A 204 -10.47 6.70 -7.55
N ILE A 205 -11.03 5.71 -8.24
CA ILE A 205 -10.57 5.47 -9.62
C ILE A 205 -11.08 6.57 -10.56
N PHE A 206 -12.31 7.05 -10.32
CA PHE A 206 -12.85 8.14 -11.12
C PHE A 206 -12.02 9.40 -10.97
N THR A 207 -11.65 9.77 -9.73
CA THR A 207 -10.89 10.99 -9.55
C THR A 207 -9.45 10.83 -10.05
N ALA A 208 -8.85 9.68 -9.80
CA ALA A 208 -7.45 9.48 -10.20
C ALA A 208 -7.32 9.32 -11.72
N SER A 209 -8.30 8.66 -12.35
CA SER A 209 -8.30 8.52 -13.82
C SER A 209 -8.40 9.87 -14.51
N ARG A 210 -9.39 10.64 -14.10
CA ARG A 210 -9.65 11.94 -14.71
C ARG A 210 -8.39 12.83 -14.66
N SER A 211 -7.77 12.92 -13.49
CA SER A 211 -6.62 13.79 -13.33
C SER A 211 -5.31 13.22 -13.84
N LEU A 212 -4.97 11.98 -13.51
CA LEU A 212 -3.66 11.46 -13.94
C LEU A 212 -3.66 10.94 -15.39
N LEU A 213 -4.76 10.33 -15.81
CA LEU A 213 -4.82 9.65 -17.12
C LEU A 213 -5.53 10.46 -18.19
N GLY A 214 -6.45 11.33 -17.77
CA GLY A 214 -7.13 12.23 -18.66
C GLY A 214 -8.55 11.84 -18.98
N LYS A 215 -9.22 12.69 -19.75
CA LYS A 215 -10.66 12.57 -19.97
C LYS A 215 -11.04 11.32 -20.75
N GLU A 216 -10.19 10.98 -21.72
CA GLU A 216 -10.41 9.79 -22.55
C GLU A 216 -10.46 8.55 -21.69
N MET A 217 -9.46 8.40 -20.83
CA MET A 217 -9.36 7.21 -19.99
C MET A 217 -10.46 7.21 -18.94
N ARG A 218 -10.79 8.40 -18.44
CA ARG A 218 -11.95 8.50 -17.56
C ARG A 218 -13.23 8.07 -18.27
N ALA A 219 -13.45 8.60 -19.48
CA ALA A 219 -14.66 8.27 -20.24
C ALA A 219 -14.83 6.75 -20.42
N LYS A 220 -13.71 6.04 -20.56
CA LYS A 220 -13.76 4.60 -20.72
C LYS A 220 -14.30 3.86 -19.50
N LEU A 221 -14.17 4.47 -18.32
CA LEU A 221 -14.66 3.85 -17.09
C LEU A 221 -16.18 3.84 -17.00
N ASP A 222 -16.85 4.63 -17.83
CA ASP A 222 -18.30 4.54 -17.98
C ASP A 222 -18.77 3.36 -18.84
N THR A 223 -17.83 2.56 -19.36
CA THR A 223 -18.19 1.43 -20.21
C THR A 223 -17.86 0.06 -19.60
N ASP A 224 -18.03 -0.99 -20.39
CA ASP A 224 -17.67 -2.36 -20.02
C ASP A 224 -16.17 -2.48 -19.77
N PHE A 225 -15.42 -1.52 -20.31
CA PHE A 225 -13.99 -1.44 -20.05
C PHE A 225 -13.69 -1.44 -18.56
N ALA A 226 -14.55 -0.78 -17.79
CA ALA A 226 -14.35 -0.69 -16.34
C ALA A 226 -14.18 -2.06 -15.70
N TYR A 227 -14.76 -3.09 -16.32
CA TYR A 227 -14.70 -4.44 -15.77
C TYR A 227 -13.28 -5.01 -15.79
N LEU A 228 -12.47 -4.59 -16.78
CA LEU A 228 -11.08 -5.01 -16.85
C LEU A 228 -10.28 -4.53 -15.63
N TYR A 229 -10.53 -3.30 -15.18
CA TYR A 229 -9.87 -2.80 -13.98
C TYR A 229 -10.22 -3.68 -12.79
N SER A 230 -11.47 -4.12 -12.72
CA SER A 230 -11.89 -5.03 -11.65
C SER A 230 -11.08 -6.31 -11.73
N ASP A 231 -10.97 -6.86 -12.93
CA ASP A 231 -10.17 -8.06 -13.18
C ASP A 231 -8.70 -7.87 -12.82
N LEU A 232 -8.13 -6.76 -13.27
CA LEU A 232 -6.73 -6.49 -13.00
C LEU A 232 -6.54 -6.31 -11.50
N ASP A 233 -7.55 -5.74 -10.86
CA ASP A 233 -7.55 -5.53 -9.42
C ASP A 233 -7.45 -6.86 -8.66
N LYS A 234 -8.19 -7.87 -9.12
CA LYS A 234 -8.19 -9.18 -8.47
C LYS A 234 -6.83 -9.85 -8.52
N GLY A 235 -6.06 -9.53 -9.55
CA GLY A 235 -4.74 -10.10 -9.70
C GLY A 235 -3.74 -9.48 -8.74
N PHE A 236 -4.14 -8.38 -8.12
CA PHE A 236 -3.29 -7.67 -7.16
C PHE A 236 -3.58 -8.19 -5.75
N THR A 237 -3.00 -9.34 -5.42
CA THR A 237 -3.36 -10.08 -4.21
C THR A 237 -2.14 -10.81 -3.65
N PRO A 238 -2.07 -10.98 -2.31
CA PRO A 238 -0.92 -11.65 -1.68
C PRO A 238 -0.71 -13.09 -2.16
N ILE A 239 -1.76 -13.72 -2.69
CA ILE A 239 -1.66 -15.07 -3.24
C ILE A 239 -0.55 -15.11 -4.30
N ASN A 240 -0.39 -14.01 -5.03
CA ASN A 240 0.71 -13.88 -6.00
C ASN A 240 2.09 -14.10 -5.39
N PHE A 241 2.23 -13.81 -4.11
CA PHE A 241 3.51 -14.04 -3.44
C PHE A 241 3.86 -15.52 -3.39
N VAL A 242 2.84 -16.36 -3.21
CA VAL A 242 3.07 -17.80 -3.07
C VAL A 242 2.89 -18.51 -4.41
N PHE A 243 1.74 -18.29 -5.03
CA PHE A 243 1.43 -18.86 -6.32
C PHE A 243 1.27 -17.73 -7.35
N PRO A 244 2.40 -17.22 -7.88
CA PRO A 244 2.37 -16.09 -8.82
C PRO A 244 1.71 -16.46 -10.14
N ASN A 245 1.99 -17.68 -10.59
CA ASN A 245 1.34 -18.22 -11.76
C ASN A 245 0.98 -19.68 -11.60
N LEU A 246 -0.23 -19.93 -11.13
CA LEU A 246 -0.83 -21.24 -11.26
C LEU A 246 -1.95 -21.09 -12.29
N PRO A 247 -2.13 -22.09 -13.16
CA PRO A 247 -3.03 -21.99 -14.31
C PRO A 247 -4.53 -22.01 -13.96
N LEU A 248 -4.99 -21.00 -13.22
CA LEU A 248 -6.42 -20.84 -12.96
C LEU A 248 -7.00 -19.68 -13.76
N GLU A 249 -8.32 -19.52 -13.72
CA GLU A 249 -8.99 -18.50 -14.53
C GLU A 249 -8.76 -17.10 -14.00
N HIS A 250 -8.70 -16.97 -12.68
CA HIS A 250 -8.39 -15.70 -12.03
C HIS A 250 -7.14 -15.05 -12.62
N TYR A 251 -6.13 -15.87 -12.86
CA TYR A 251 -4.85 -15.40 -13.39
C TYR A 251 -4.93 -15.01 -14.85
N ARG A 252 -5.82 -15.67 -15.60
CA ARG A 252 -5.98 -15.40 -17.03
C ARG A 252 -6.74 -14.11 -17.28
N LYS A 253 -7.80 -13.88 -16.49
CA LYS A 253 -8.53 -12.63 -16.52
C LYS A 253 -7.62 -11.45 -16.20
N ARG A 254 -6.73 -11.66 -15.22
CA ARG A 254 -5.72 -10.67 -14.87
C ARG A 254 -4.78 -10.39 -16.04
N ASP A 255 -4.15 -11.43 -16.58
CA ASP A 255 -3.23 -11.27 -17.70
C ASP A 255 -3.88 -10.56 -18.89
N HIS A 256 -5.11 -10.98 -19.21
CA HIS A 256 -5.88 -10.36 -20.27
C HIS A 256 -6.14 -8.87 -20.02
N ALA A 257 -6.53 -8.56 -18.79
CA ALA A 257 -6.82 -7.18 -18.43
C ALA A 257 -5.60 -6.28 -18.61
N GLN A 258 -4.44 -6.76 -18.19
CA GLN A 258 -3.20 -6.00 -18.32
C GLN A 258 -2.90 -5.68 -19.78
N LYS A 259 -3.08 -6.69 -20.63
CA LYS A 259 -2.92 -6.50 -22.07
C LYS A 259 -3.96 -5.52 -22.59
N ALA A 260 -5.22 -5.71 -22.23
CA ALA A 260 -6.27 -4.84 -22.75
C ALA A 260 -6.11 -3.40 -22.26
N ILE A 261 -5.78 -3.24 -20.97
CA ILE A 261 -5.62 -1.90 -20.42
C ILE A 261 -4.35 -1.25 -20.97
N SER A 262 -3.22 -1.96 -20.97
CA SER A 262 -1.99 -1.33 -21.48
C SER A 262 -2.14 -1.04 -22.98
N GLY A 263 -2.90 -1.90 -23.66
CA GLY A 263 -3.24 -1.66 -25.06
C GLY A 263 -4.02 -0.39 -25.27
N THR A 264 -4.96 -0.10 -24.37
CA THR A 264 -5.73 1.12 -24.46
C THR A 264 -4.84 2.35 -24.25
N TYR A 265 -3.95 2.30 -23.25
CA TYR A 265 -3.04 3.42 -23.03
C TYR A 265 -2.10 3.62 -24.24
N MET A 266 -1.59 2.54 -24.79
CA MET A 266 -0.72 2.65 -25.97
C MET A 266 -1.47 3.25 -27.18
N SER A 267 -2.72 2.87 -27.35
CA SER A 267 -3.53 3.44 -28.42
C SER A 267 -3.60 4.97 -28.31
N LEU A 268 -3.85 5.47 -27.10
CA LEU A 268 -3.93 6.91 -26.88
C LEU A 268 -2.59 7.57 -27.12
N ILE A 269 -1.53 6.97 -26.60
CA ILE A 269 -0.20 7.51 -26.75
C ILE A 269 0.17 7.63 -28.24
N LYS A 270 -0.06 6.57 -28.99
CA LYS A 270 0.28 6.59 -30.42
C LYS A 270 -0.59 7.56 -31.22
N GLU A 271 -1.86 7.66 -30.85
CA GLU A 271 -2.74 8.69 -31.43
C GLU A 271 -2.22 10.10 -31.18
N ARG A 272 -1.86 10.40 -29.93
CA ARG A 272 -1.38 11.74 -29.59
C ARG A 272 -0.11 12.11 -30.35
N ARG A 273 0.81 11.16 -30.49
CA ARG A 273 2.05 11.42 -31.21
C ARG A 273 1.79 11.57 -32.71
N LYS A 274 0.92 10.72 -33.24
CA LYS A 274 0.45 10.81 -34.61
C LYS A 274 -0.11 12.19 -34.94
N ASN A 275 -0.89 12.75 -34.01
CA ASN A 275 -1.54 14.05 -34.23
C ASN A 275 -0.76 15.23 -33.66
N ASN A 276 0.46 14.96 -33.18
CA ASN A 276 1.25 15.95 -32.45
C ASN A 276 0.46 16.54 -31.26
N ASP A 277 -0.54 15.80 -30.79
CA ASP A 277 -1.40 16.26 -29.71
C ASP A 277 -0.75 15.98 -28.34
N ILE A 278 0.39 16.60 -28.08
CA ILE A 278 1.08 16.39 -26.81
C ILE A 278 1.22 17.69 -26.01
N GLN A 279 0.35 17.86 -25.01
CA GLN A 279 0.31 19.05 -24.17
C GLN A 279 0.89 18.82 -22.78
N ASP A 280 0.26 19.45 -21.79
CA ASP A 280 0.61 19.26 -20.40
C ASP A 280 -0.62 18.96 -19.55
N ARG A 281 -1.51 18.13 -20.08
CA ARG A 281 -2.77 17.84 -19.42
C ARG A 281 -2.61 16.87 -18.25
N ASP A 282 -1.95 15.75 -18.51
CA ASP A 282 -2.01 14.59 -17.63
C ASP A 282 -0.66 13.86 -17.55
N LEU A 283 -0.64 12.73 -16.86
CA LEU A 283 0.60 11.97 -16.68
C LEU A 283 1.03 11.32 -18.02
N ILE A 284 0.08 11.11 -18.91
CA ILE A 284 0.41 10.53 -20.22
C ILE A 284 1.20 11.54 -21.07
N ASP A 285 0.69 12.77 -21.19
CA ASP A 285 1.44 13.83 -21.86
C ASP A 285 2.84 13.93 -21.27
N SER A 286 2.91 13.91 -19.94
CA SER A 286 4.17 14.05 -19.23
C SER A 286 5.17 12.93 -19.52
N LEU A 287 4.73 11.68 -19.47
CA LEU A 287 5.63 10.57 -19.75
C LEU A 287 6.01 10.53 -21.25
N MET A 288 5.12 10.96 -22.13
CA MET A 288 5.47 11.01 -23.56
C MET A 288 6.60 12.00 -23.78
N LYS A 289 6.58 13.12 -23.06
CA LYS A 289 7.60 14.15 -23.22
C LYS A 289 8.84 13.91 -22.38
N ASN A 290 8.72 13.02 -21.39
CA ASN A 290 9.78 12.88 -20.40
C ASN A 290 9.87 11.46 -19.88
N SER A 291 10.56 10.61 -20.63
CA SER A 291 10.73 9.21 -20.27
C SER A 291 11.97 8.62 -20.94
N THR A 292 13.00 9.45 -21.06
CA THR A 292 14.30 8.99 -21.55
C THR A 292 15.28 8.83 -20.41
N TYR A 293 15.78 7.61 -20.23
CA TYR A 293 16.78 7.35 -19.21
C TYR A 293 18.09 8.11 -19.47
N LYS A 294 18.91 8.22 -18.44
CA LYS A 294 20.11 9.03 -18.51
C LYS A 294 21.18 8.41 -19.43
N ASP A 295 21.07 7.11 -19.71
CA ASP A 295 21.96 6.48 -20.70
C ASP A 295 21.39 6.61 -22.12
N GLY A 296 20.26 7.31 -22.25
CA GLY A 296 19.70 7.65 -23.54
C GLY A 296 18.66 6.70 -24.11
N VAL A 297 18.46 5.55 -23.47
CA VAL A 297 17.38 4.65 -23.84
C VAL A 297 16.03 5.27 -23.52
N LYS A 298 15.12 5.23 -24.48
CA LYS A 298 13.77 5.68 -24.24
C LYS A 298 12.88 4.53 -23.77
N MET A 299 12.04 4.78 -22.75
CA MET A 299 11.02 3.81 -22.38
C MET A 299 10.19 3.52 -23.61
N THR A 300 9.76 2.28 -23.77
CA THR A 300 8.86 1.95 -24.86
C THR A 300 7.45 2.40 -24.55
N ASP A 301 6.60 2.42 -25.57
CA ASP A 301 5.21 2.77 -25.36
C ASP A 301 4.55 1.77 -24.42
N GLN A 302 4.91 0.49 -24.56
CA GLN A 302 4.49 -0.56 -23.65
C GLN A 302 4.92 -0.30 -22.18
N GLU A 303 6.17 0.14 -21.99
CA GLU A 303 6.68 0.37 -20.64
C GLU A 303 6.03 1.59 -20.01
N ILE A 304 5.79 2.60 -20.83
CA ILE A 304 5.07 3.78 -20.38
C ILE A 304 3.68 3.40 -19.92
N ALA A 305 2.98 2.59 -20.73
CA ALA A 305 1.65 2.11 -20.37
C ALA A 305 1.67 1.25 -19.09
N ASN A 306 2.68 0.40 -18.96
CA ASN A 306 2.82 -0.44 -17.78
C ASN A 306 3.09 0.42 -16.52
N LEU A 307 3.87 1.48 -16.69
CA LEU A 307 4.22 2.35 -15.57
C LEU A 307 2.96 3.12 -15.12
N LEU A 308 2.13 3.50 -16.09
CA LEU A 308 0.83 4.12 -15.81
C LEU A 308 -0.07 3.20 -15.00
N ILE A 309 -0.08 1.92 -15.33
CA ILE A 309 -0.88 0.94 -14.60
C ILE A 309 -0.41 0.79 -13.15
N GLY A 310 0.91 0.70 -12.96
CA GLY A 310 1.49 0.53 -11.65
C GLY A 310 1.20 1.73 -10.76
N VAL A 311 1.38 2.93 -11.32
CA VAL A 311 1.14 4.17 -10.59
C VAL A 311 -0.35 4.32 -10.22
N LEU A 312 -1.25 4.02 -11.15
CA LEU A 312 -2.68 4.13 -10.88
C LEU A 312 -3.15 3.08 -9.88
N MET A 313 -2.63 1.86 -10.01
CA MET A 313 -3.05 0.75 -9.15
C MET A 313 -2.55 0.86 -7.70
N GLY A 314 -1.30 1.27 -7.54
CA GLY A 314 -0.74 1.49 -6.23
C GLY A 314 -1.50 2.59 -5.51
N GLY A 315 -1.61 3.74 -6.14
CA GLY A 315 -2.36 4.86 -5.61
C GLY A 315 -3.83 4.56 -5.38
N GLN A 316 -4.40 3.69 -6.22
CA GLN A 316 -5.80 3.26 -6.04
C GLN A 316 -6.06 2.64 -4.68
N HIS A 317 -5.27 1.65 -4.32
CA HIS A 317 -5.51 0.91 -3.10
C HIS A 317 -5.19 1.68 -1.80
N THR A 318 -4.09 2.41 -1.78
CA THR A 318 -3.73 3.17 -0.58
C THR A 318 -4.72 4.29 -0.33
N SER A 319 -5.13 4.97 -1.41
CA SER A 319 -6.04 6.10 -1.27
C SER A 319 -7.45 5.66 -0.91
N ALA A 320 -7.96 4.64 -1.60
CA ALA A 320 -9.32 4.19 -1.34
C ALA A 320 -9.47 3.65 0.07
N ALA A 321 -8.48 2.89 0.53
CA ALA A 321 -8.50 2.41 1.90
C ALA A 321 -8.55 3.60 2.86
N THR A 322 -7.77 4.64 2.56
CA THR A 322 -7.63 5.75 3.50
C THR A 322 -8.90 6.61 3.59
N SER A 323 -9.58 6.86 2.47
CA SER A 323 -10.76 7.71 2.56
C SER A 323 -11.89 6.92 3.17
N ALA A 324 -11.85 5.59 3.02
CA ALA A 324 -12.79 4.74 3.74
C ALA A 324 -12.59 4.89 5.25
N TRP A 325 -11.35 4.81 5.72
CA TRP A 325 -11.10 4.98 7.15
C TRP A 325 -11.45 6.39 7.62
N ILE A 326 -11.22 7.41 6.80
CA ILE A 326 -11.55 8.76 7.25
C ILE A 326 -13.06 8.85 7.51
N LEU A 327 -13.87 8.34 6.57
CA LEU A 327 -15.32 8.37 6.68
C LEU A 327 -15.76 7.60 7.90
N LEU A 328 -15.15 6.43 8.12
CA LEU A 328 -15.53 5.59 9.27
C LEU A 328 -15.16 6.18 10.65
N HIS A 329 -13.96 6.73 10.81
CA HIS A 329 -13.68 7.45 12.07
C HIS A 329 -14.57 8.69 12.26
N LEU A 330 -14.86 9.42 11.19
CA LEU A 330 -15.66 10.62 11.39
C LEU A 330 -17.13 10.29 11.66
N ALA A 331 -17.58 9.11 11.24
CA ALA A 331 -18.99 8.71 11.38
C ALA A 331 -19.42 8.65 12.87
N GLU A 332 -18.47 8.43 13.75
CA GLU A 332 -18.78 8.41 15.19
C GLU A 332 -18.19 9.65 15.87
N ARG A 333 -17.80 10.65 15.09
CA ARG A 333 -17.25 11.89 15.65
C ARG A 333 -17.92 13.10 15.05
N PRO A 334 -19.20 13.34 15.40
CA PRO A 334 -19.86 14.53 14.85
C PRO A 334 -19.19 15.82 15.30
N ASP A 335 -18.46 15.77 16.41
CA ASP A 335 -17.67 16.93 16.84
C ASP A 335 -16.55 17.26 15.83
N VAL A 336 -15.88 16.23 15.33
CA VAL A 336 -14.83 16.50 14.33
C VAL A 336 -15.47 16.99 13.01
N GLN A 337 -16.56 16.37 12.57
CA GLN A 337 -17.25 16.86 11.35
C GLN A 337 -17.61 18.36 11.49
N GLN A 338 -18.10 18.72 12.67
CA GLN A 338 -18.49 20.09 12.95
C GLN A 338 -17.32 21.05 12.87
N GLU A 339 -16.24 20.68 13.53
CA GLU A 339 -15.01 21.47 13.47
C GLU A 339 -14.46 21.57 12.04
N LEU A 340 -14.49 20.47 11.28
CA LEU A 340 -14.03 20.53 9.89
C LEU A 340 -14.94 21.42 9.05
N TYR A 341 -16.25 21.35 9.32
CA TYR A 341 -17.19 22.19 8.58
C TYR A 341 -16.97 23.69 8.83
N GLU A 342 -16.77 24.09 10.09
CA GLU A 342 -16.43 25.49 10.40
C GLU A 342 -15.18 25.94 9.63
N GLU A 343 -14.16 25.08 9.58
CA GLU A 343 -12.95 25.41 8.81
C GLU A 343 -13.26 25.62 7.33
N GLN A 344 -14.07 24.74 6.74
CA GLN A 344 -14.51 24.92 5.35
C GLN A 344 -15.20 26.27 5.14
N MET A 345 -16.08 26.65 6.06
CA MET A 345 -16.80 27.93 5.94
C MET A 345 -15.90 29.14 6.07
N ARG A 346 -14.94 29.09 6.98
CA ARG A 346 -13.99 30.18 7.12
C ARG A 346 -13.04 30.30 5.90
N VAL A 347 -12.43 29.19 5.49
CA VAL A 347 -11.45 29.27 4.41
C VAL A 347 -12.09 29.58 3.04
N LEU A 348 -13.30 29.07 2.81
CA LEU A 348 -13.96 29.29 1.53
C LEU A 348 -15.06 30.35 1.60
N ASP A 349 -15.00 31.23 2.60
CA ASP A 349 -15.96 32.34 2.71
C ASP A 349 -17.40 31.84 2.60
N GLY A 350 -17.78 30.91 3.46
CA GLY A 350 -19.14 30.39 3.48
C GLY A 350 -19.50 29.57 2.25
N GLY A 351 -18.48 29.12 1.53
CA GLY A 351 -18.71 28.36 0.31
C GLY A 351 -18.83 29.21 -0.94
N LYS A 352 -18.55 30.50 -0.79
CA LYS A 352 -18.57 31.41 -1.95
C LYS A 352 -17.29 31.27 -2.79
N LYS A 353 -16.14 31.04 -2.15
CA LYS A 353 -14.91 30.79 -2.89
C LYS A 353 -14.91 29.38 -3.45
N GLU A 354 -14.42 29.24 -4.68
CA GLU A 354 -14.20 27.92 -5.24
C GLU A 354 -12.94 27.31 -4.64
N LEU A 355 -13.00 26.04 -4.28
CA LEU A 355 -11.84 25.32 -3.79
C LEU A 355 -10.69 25.32 -4.80
N THR A 356 -9.49 25.68 -4.35
CA THR A 356 -8.26 25.60 -5.16
C THR A 356 -7.22 24.83 -4.38
N TYR A 357 -6.14 24.46 -5.06
CA TYR A 357 -5.03 23.81 -4.37
C TYR A 357 -4.42 24.69 -3.27
N ASP A 358 -4.30 25.98 -3.53
CA ASP A 358 -3.78 26.89 -2.51
C ASP A 358 -4.69 26.93 -1.26
N LEU A 359 -6.00 26.94 -1.45
CA LEU A 359 -6.90 27.02 -0.30
C LEU A 359 -6.91 25.70 0.51
N LEU A 360 -6.75 24.57 -0.17
CA LEU A 360 -6.50 23.29 0.49
C LEU A 360 -5.35 23.36 1.48
N GLN A 361 -4.29 24.09 1.14
CA GLN A 361 -3.15 24.25 2.06
C GLN A 361 -3.47 25.15 3.26
N GLU A 362 -4.59 25.86 3.21
CA GLU A 362 -5.04 26.66 4.35
C GLU A 362 -6.09 25.92 5.15
N MET A 363 -6.15 24.60 5.01
CA MET A 363 -7.12 23.78 5.78
C MET A 363 -6.40 22.82 6.69
N PRO A 364 -5.80 23.34 7.77
CA PRO A 364 -4.97 22.46 8.59
C PRO A 364 -5.75 21.33 9.27
N LEU A 365 -6.95 21.59 9.81
CA LEU A 365 -7.68 20.50 10.46
C LEU A 365 -8.04 19.37 9.46
N LEU A 366 -8.45 19.74 8.26
CA LEU A 366 -8.71 18.72 7.23
C LEU A 366 -7.44 17.89 6.97
N ASN A 367 -6.31 18.57 6.78
CA ASN A 367 -5.06 17.85 6.53
C ASN A 367 -4.60 17.02 7.72
N GLN A 368 -4.88 17.52 8.93
CA GLN A 368 -4.57 16.80 10.15
C GLN A 368 -5.42 15.55 10.28
N THR A 369 -6.62 15.60 9.74
CA THR A 369 -7.52 14.45 9.77
C THR A 369 -6.99 13.34 8.87
N ILE A 370 -6.51 13.71 7.69
CA ILE A 370 -5.82 12.75 6.80
C ILE A 370 -4.61 12.17 7.52
N LYS A 371 -3.80 13.09 8.07
CA LYS A 371 -2.58 12.70 8.76
C LYS A 371 -2.83 11.69 9.88
N GLU A 372 -3.88 11.95 10.67
CA GLU A 372 -4.20 11.10 11.82
C GLU A 372 -4.79 9.76 11.37
N THR A 373 -5.56 9.78 10.29
CA THR A 373 -6.08 8.52 9.77
C THR A 373 -4.93 7.63 9.27
N LEU A 374 -3.97 8.24 8.58
CA LEU A 374 -2.78 7.50 8.14
C LEU A 374 -1.93 7.03 9.32
N ARG A 375 -1.99 7.72 10.45
CA ARG A 375 -1.27 7.19 11.62
C ARG A 375 -1.96 5.91 12.11
N MET A 376 -3.28 5.95 12.23
CA MET A 376 -3.98 4.81 12.81
C MET A 376 -4.17 3.66 11.82
N HIS A 377 -4.08 3.98 10.54
CA HIS A 377 -4.32 2.99 9.50
C HIS A 377 -3.33 3.12 8.35
N HIS A 378 -2.09 2.71 8.60
CA HIS A 378 -1.11 2.62 7.53
C HIS A 378 -1.58 1.54 6.60
N PRO A 379 -1.78 1.90 5.32
CA PRO A 379 -2.28 0.96 4.31
C PRO A 379 -1.39 -0.27 4.13
N LEU A 380 -0.09 -0.13 4.40
CA LEU A 380 0.82 -1.24 4.16
C LEU A 380 1.46 -1.63 5.48
N HIS A 381 0.98 -2.70 6.10
CA HIS A 381 1.41 -2.95 7.48
C HIS A 381 2.88 -3.39 7.51
N SER A 382 3.36 -3.94 6.41
CA SER A 382 4.73 -4.47 6.34
C SER A 382 5.39 -4.11 5.01
N LEU A 383 6.64 -3.67 5.07
CA LEU A 383 7.44 -3.49 3.86
C LEU A 383 8.62 -4.44 3.94
N PHE A 384 9.04 -4.96 2.78
CA PHE A 384 10.03 -6.02 2.73
C PHE A 384 11.22 -5.69 1.84
N ARG A 385 12.35 -6.31 2.16
CA ARG A 385 13.49 -6.38 1.26
C ARG A 385 14.06 -7.79 1.35
N LYS A 386 14.68 -8.27 0.27
CA LYS A 386 15.44 -9.50 0.35
C LYS A 386 16.88 -9.12 0.67
N VAL A 387 17.48 -9.81 1.64
CA VAL A 387 18.86 -9.53 2.00
C VAL A 387 19.83 -10.15 0.99
N MET A 388 20.68 -9.32 0.38
CA MET A 388 21.57 -9.78 -0.68
C MET A 388 23.01 -10.06 -0.21
N LYS A 389 23.40 -9.40 0.88
CA LYS A 389 24.71 -9.60 1.51
C LYS A 389 24.51 -9.70 3.01
N ASP A 390 25.31 -10.54 3.68
CA ASP A 390 25.23 -10.63 5.14
C ASP A 390 25.27 -9.26 5.76
N MET A 391 24.34 -8.98 6.66
CA MET A 391 24.25 -7.68 7.29
C MET A 391 24.50 -7.77 8.79
N HIS A 392 25.43 -6.96 9.30
CA HIS A 392 25.59 -6.86 10.75
C HIS A 392 24.61 -5.87 11.33
N VAL A 393 23.88 -6.30 12.35
CA VAL A 393 22.98 -5.41 13.07
C VAL A 393 23.76 -4.64 14.14
N PRO A 394 23.91 -3.33 13.96
CA PRO A 394 24.68 -2.44 14.84
C PRO A 394 24.32 -2.60 16.31
N ASN A 395 25.35 -2.54 17.17
CA ASN A 395 25.21 -2.66 18.62
C ASN A 395 24.70 -4.03 19.05
N THR A 396 24.79 -4.99 18.16
CA THR A 396 24.49 -6.38 18.49
C THR A 396 25.58 -7.27 17.89
N SER A 397 25.50 -8.56 18.17
CA SER A 397 26.36 -9.53 17.50
C SER A 397 25.60 -10.19 16.35
N TYR A 398 24.34 -9.78 16.15
CA TYR A 398 23.49 -10.39 15.13
C TYR A 398 23.99 -10.15 13.71
N VAL A 399 23.98 -11.20 12.92
CA VAL A 399 24.20 -11.09 11.49
C VAL A 399 22.97 -11.64 10.76
N ILE A 400 22.44 -10.86 9.84
CA ILE A 400 21.35 -11.33 8.97
C ILE A 400 21.96 -11.81 7.67
N PRO A 401 21.98 -13.15 7.47
CA PRO A 401 22.62 -13.73 6.28
C PRO A 401 21.91 -13.39 4.99
N ALA A 402 22.63 -13.33 3.88
CA ALA A 402 22.02 -13.19 2.57
C ALA A 402 21.01 -14.32 2.40
N GLY A 403 19.88 -14.04 1.75
CA GLY A 403 18.85 -15.04 1.56
C GLY A 403 17.70 -14.88 2.53
N TYR A 404 17.95 -14.21 3.65
CA TYR A 404 16.88 -13.79 4.54
C TYR A 404 16.10 -12.65 3.89
N HIS A 405 14.96 -12.32 4.47
CA HIS A 405 14.27 -11.08 4.13
C HIS A 405 14.20 -10.21 5.38
N VAL A 406 14.27 -8.90 5.20
CA VAL A 406 14.04 -8.00 6.32
C VAL A 406 12.66 -7.37 6.15
N LEU A 407 12.00 -7.11 7.27
CA LEU A 407 10.65 -6.59 7.31
C LEU A 407 10.61 -5.39 8.24
N VAL A 408 10.04 -4.29 7.77
CA VAL A 408 9.92 -3.09 8.60
C VAL A 408 8.44 -2.69 8.67
N SER A 409 8.02 -2.18 9.82
CA SER A 409 6.61 -1.86 10.03
C SER A 409 6.38 -0.53 10.76
N PRO A 410 6.51 0.59 10.03
CA PRO A 410 6.21 1.90 10.61
C PRO A 410 4.77 2.00 11.12
N GLY A 411 3.82 1.29 10.50
CA GLY A 411 2.45 1.29 11.01
C GLY A 411 2.34 0.73 12.41
N TYR A 412 3.21 -0.20 12.77
CA TYR A 412 3.23 -0.73 14.13
C TYR A 412 3.66 0.37 15.13
N THR A 413 4.71 1.11 14.80
CA THR A 413 5.21 2.17 15.67
C THR A 413 4.20 3.32 15.79
N HIS A 414 3.43 3.56 14.73
CA HIS A 414 2.34 4.54 14.76
C HIS A 414 1.36 4.25 15.88
N LEU A 415 1.26 2.98 16.27
CA LEU A 415 0.25 2.59 17.25
C LEU A 415 0.84 2.34 18.66
N ARG A 416 2.06 2.80 18.89
CA ARG A 416 2.70 2.67 20.22
C ARG A 416 2.55 3.94 21.07
N ASP A 417 2.07 3.78 22.29
CA ASP A 417 1.83 4.91 23.22
C ASP A 417 3.11 5.70 23.49
N GLU A 418 4.26 5.02 23.49
CA GLU A 418 5.55 5.66 23.73
C GLU A 418 5.82 6.78 22.74
N TYR A 419 5.40 6.60 21.49
CA TYR A 419 5.62 7.62 20.47
C TYR A 419 4.41 8.48 20.18
N PHE A 420 3.22 7.94 20.43
CA PHE A 420 2.00 8.71 20.24
C PHE A 420 1.09 8.46 21.42
N PRO A 421 1.08 9.40 22.38
CA PRO A 421 0.30 9.13 23.60
C PRO A 421 -1.15 8.81 23.26
N ASN A 422 -1.74 7.85 23.96
CA ASN A 422 -3.09 7.37 23.67
C ASN A 422 -3.25 7.04 22.20
N ALA A 423 -2.36 6.17 21.73
CA ALA A 423 -2.20 5.86 20.31
C ALA A 423 -3.45 5.25 19.67
N HIS A 424 -4.27 4.60 20.49
CA HIS A 424 -5.52 3.95 20.11
CA HIS A 424 -5.47 3.99 19.91
C HIS A 424 -6.65 4.95 19.91
N GLN A 425 -6.40 6.20 20.28
CA GLN A 425 -7.41 7.23 20.22
C GLN A 425 -7.24 8.08 18.95
N PHE A 426 -8.30 8.20 18.15
CA PHE A 426 -8.36 9.10 16.99
C PHE A 426 -8.46 10.56 17.46
N ASN A 427 -7.38 11.30 17.29
CA ASN A 427 -7.35 12.69 17.75
C ASN A 427 -6.56 13.57 16.78
N ILE A 428 -7.27 14.33 15.95
CA ILE A 428 -6.61 15.12 14.91
C ILE A 428 -5.79 16.26 15.53
N HIS A 429 -6.13 16.60 16.77
CA HIS A 429 -5.47 17.71 17.44
C HIS A 429 -4.10 17.34 17.97
N ARG A 430 -3.73 16.06 17.95
CA ARG A 430 -2.34 15.71 18.28
C ARG A 430 -1.40 16.32 17.24
N TRP A 431 -1.93 16.72 16.08
CA TRP A 431 -1.15 17.36 15.02
C TRP A 431 -1.34 18.87 14.93
N ASN A 432 -1.84 19.51 15.99
CA ASN A 432 -1.98 20.97 16.00
C ASN A 432 -0.65 21.67 15.74
N ASN A 433 -0.65 22.64 14.82
CA ASN A 433 0.58 23.31 14.41
C ASN A 433 1.60 22.33 13.80
N ASP A 434 1.09 21.33 13.08
CA ASP A 434 1.96 20.29 12.52
C ASP A 434 1.14 19.43 11.55
N SER A 435 0.55 20.09 10.58
CA SER A 435 -0.39 19.47 9.66
C SER A 435 0.23 19.06 8.34
N ALA A 436 1.55 19.07 8.25
CA ALA A 436 2.22 18.68 7.00
C ALA A 436 2.20 17.17 6.82
N SER A 437 1.99 16.71 5.59
CA SER A 437 1.85 15.29 5.30
C SER A 437 3.03 14.48 5.82
N SER A 438 4.19 15.13 5.81
CA SER A 438 5.43 14.57 6.35
C SER A 438 6.42 15.74 6.37
N TYR A 439 7.47 15.64 7.18
CA TYR A 439 8.45 16.71 7.18
C TYR A 439 9.85 16.20 7.53
N SER A 440 10.82 16.58 6.71
CA SER A 440 12.23 16.22 6.87
C SER A 440 12.90 17.10 7.93
N VAL A 441 13.28 16.51 9.06
CA VAL A 441 13.79 17.27 10.22
C VAL A 441 15.26 17.68 10.13
N GLY A 442 15.92 17.39 9.00
CA GLY A 442 17.32 17.73 8.85
C GLY A 442 17.88 17.66 7.45
N GLU A 443 18.99 16.95 7.31
CA GLU A 443 19.68 16.85 6.03
C GLU A 443 18.88 16.06 5.01
N GLU A 444 19.08 16.37 3.74
CA GLU A 444 18.43 15.65 2.65
C GLU A 444 19.44 14.94 1.75
N VAL A 445 18.91 14.06 0.90
CA VAL A 445 19.69 13.31 -0.06
C VAL A 445 18.78 13.10 -1.26
N ASP A 446 19.37 12.86 -2.43
CA ASP A 446 18.64 12.64 -3.66
C ASP A 446 19.09 11.34 -4.31
N TYR A 447 18.17 10.39 -4.48
CA TYR A 447 18.51 9.06 -5.00
C TYR A 447 18.23 9.02 -6.50
N GLY A 448 17.77 10.14 -7.03
CA GLY A 448 17.43 10.17 -8.45
C GLY A 448 16.07 10.74 -8.76
N PHE A 449 15.22 10.91 -7.75
CA PHE A 449 13.87 11.44 -8.00
C PHE A 449 13.58 12.64 -7.11
N GLY A 450 14.62 13.31 -6.64
CA GLY A 450 14.45 14.52 -5.83
C GLY A 450 15.04 14.42 -4.43
N ALA A 451 15.30 15.56 -3.81
CA ALA A 451 15.83 15.58 -2.46
C ALA A 451 14.76 15.13 -1.47
N ILE A 452 15.09 14.13 -0.66
CA ILE A 452 14.18 13.64 0.37
C ILE A 452 14.98 13.52 1.67
N SER A 453 14.31 13.28 2.79
CA SER A 453 15.00 13.20 4.09
C SER A 453 16.08 12.12 4.12
N LYS A 454 17.26 12.48 4.62
CA LYS A 454 18.35 11.52 4.75
C LYS A 454 18.08 10.54 5.92
N GLY A 455 17.71 11.07 7.08
CA GLY A 455 17.31 10.23 8.20
C GLY A 455 15.90 9.69 8.00
N VAL A 456 15.68 8.48 8.50
CA VAL A 456 14.36 7.88 8.40
C VAL A 456 13.99 7.37 9.81
N SER A 457 14.40 8.10 10.84
CA SER A 457 14.12 7.70 12.22
C SER A 457 12.83 8.29 12.80
N SER A 458 12.13 9.10 12.01
CA SER A 458 10.83 9.62 12.46
C SER A 458 9.88 8.49 12.85
N PRO A 459 9.27 8.57 14.06
CA PRO A 459 8.32 7.51 14.44
C PRO A 459 7.08 7.49 13.55
N TYR A 460 6.74 8.65 12.97
CA TYR A 460 5.71 8.76 11.95
C TYR A 460 6.33 8.65 10.57
N LEU A 461 6.06 7.54 9.90
CA LEU A 461 6.61 7.30 8.56
C LEU A 461 5.59 6.66 7.62
N PRO A 462 4.49 7.36 7.34
CA PRO A 462 3.46 6.71 6.52
C PRO A 462 3.90 6.49 5.06
N PHE A 463 4.91 7.22 4.61
CA PHE A 463 5.34 7.14 3.21
C PHE A 463 6.70 6.47 3.05
N GLY A 464 7.10 5.74 4.08
CA GLY A 464 8.40 5.10 4.12
C GLY A 464 9.55 6.10 4.04
N GLY A 465 10.66 5.68 3.45
CA GLY A 465 11.82 6.55 3.36
C GLY A 465 12.94 5.85 2.61
N GLY A 466 14.01 6.58 2.33
CA GLY A 466 15.11 6.04 1.54
C GLY A 466 14.75 5.95 0.06
N ARG A 467 15.50 5.17 -0.72
CA ARG A 467 15.35 5.20 -2.18
C ARG A 467 13.97 4.74 -2.65
N HIS A 468 13.30 3.92 -1.82
CA HIS A 468 12.00 3.38 -2.20
C HIS A 468 10.83 4.21 -1.68
N ARG A 469 11.14 5.38 -1.15
CA ARG A 469 10.12 6.28 -0.56
C ARG A 469 9.01 6.63 -1.57
N CYS A 470 7.80 6.80 -1.03
CA CYS A 470 6.63 7.13 -1.84
C CYS A 470 6.81 8.44 -2.60
N ILE A 471 6.29 8.50 -3.82
CA ILE A 471 6.27 9.78 -4.52
C ILE A 471 4.85 10.25 -4.74
N GLY A 472 3.89 9.54 -4.14
CA GLY A 472 2.49 9.87 -4.34
C GLY A 472 1.87 10.70 -3.23
N GLU A 473 2.68 11.08 -2.25
CA GLU A 473 2.13 11.66 -1.03
C GLU A 473 1.34 12.95 -1.32
N HIS A 474 1.86 13.80 -2.19
CA HIS A 474 1.19 15.08 -2.38
C HIS A 474 -0.03 14.90 -3.27
N PHE A 475 0.05 13.96 -4.22
CA PHE A 475 -1.15 13.62 -4.99
C PHE A 475 -2.25 13.05 -4.07
N ALA A 476 -1.89 12.15 -3.17
CA ALA A 476 -2.87 11.56 -2.28
C ALA A 476 -3.54 12.63 -1.40
N TYR A 477 -2.75 13.58 -0.90
CA TYR A 477 -3.29 14.61 -0.03
C TYR A 477 -4.22 15.52 -0.84
N CYS A 478 -3.81 15.81 -2.07
CA CYS A 478 -4.64 16.62 -2.97
C CYS A 478 -5.97 15.92 -3.22
N GLN A 479 -5.90 14.66 -3.65
CA GLN A 479 -7.08 13.86 -3.90
C GLN A 479 -7.97 13.68 -2.67
N LEU A 480 -7.37 13.20 -1.58
CA LEU A 480 -8.11 13.07 -0.30
C LEU A 480 -8.64 14.40 0.21
N GLY A 481 -7.87 15.47 0.02
CA GLY A 481 -8.28 16.80 0.49
C GLY A 481 -9.52 17.29 -0.22
N VAL A 482 -9.48 17.27 -1.54
CA VAL A 482 -10.64 17.67 -2.36
C VAL A 482 -11.86 16.83 -2.02
N LEU A 483 -11.67 15.52 -2.03
CA LEU A 483 -12.75 14.59 -1.73
C LEU A 483 -13.40 14.88 -0.37
N MET A 484 -12.58 14.97 0.67
CA MET A 484 -13.11 15.19 2.04
C MET A 484 -13.66 16.60 2.24
N SER A 485 -13.05 17.60 1.61
CA SER A 485 -13.61 18.94 1.63
C SER A 485 -15.05 18.96 1.10
N ILE A 486 -15.31 18.19 0.03
CA ILE A 486 -16.65 18.15 -0.55
C ILE A 486 -17.62 17.27 0.27
N PHE A 487 -17.14 16.17 0.82
CA PHE A 487 -17.95 15.35 1.69
C PHE A 487 -18.46 16.18 2.88
N ILE A 488 -17.54 16.91 3.49
CA ILE A 488 -17.84 17.74 4.65
C ILE A 488 -18.82 18.87 4.34
N ARG A 489 -18.61 19.58 3.23
CA ARG A 489 -19.51 20.70 2.91
C ARG A 489 -20.91 20.22 2.49
N THR A 490 -21.01 19.00 1.95
CA THR A 490 -22.25 18.49 1.38
C THR A 490 -23.09 17.64 2.34
N LEU A 491 -22.42 16.80 3.14
CA LEU A 491 -23.10 15.77 3.93
C LEU A 491 -22.72 15.79 5.40
N LYS A 492 -23.63 15.28 6.23
CA LYS A 492 -23.30 14.75 7.55
C LYS A 492 -23.49 13.25 7.48
N TRP A 493 -22.81 12.49 8.33
CA TRP A 493 -23.01 11.06 8.32
C TRP A 493 -22.75 10.42 9.67
N HIS A 494 -23.31 9.24 9.88
CA HIS A 494 -23.22 8.57 11.19
C HIS A 494 -23.38 7.07 11.00
N TYR A 495 -23.19 6.30 12.07
CA TYR A 495 -23.34 4.84 11.98
C TYR A 495 -24.77 4.36 12.14
N PRO A 496 -25.08 3.20 11.52
CA PRO A 496 -26.30 2.48 11.89
C PRO A 496 -26.23 2.13 13.37
N GLU A 497 -27.37 2.01 14.04
CA GLU A 497 -27.42 1.81 15.49
C GLU A 497 -26.49 0.69 15.97
N GLY A 498 -25.71 0.98 17.01
CA GLY A 498 -24.81 0.00 17.58
C GLY A 498 -23.63 -0.44 16.72
N LYS A 499 -23.37 0.26 15.62
CA LYS A 499 -22.19 -0.01 14.79
C LYS A 499 -21.07 0.96 15.14
N THR A 500 -19.83 0.55 14.95
CA THR A 500 -18.69 1.41 15.25
C THR A 500 -17.59 1.13 14.24
N VAL A 501 -16.42 1.74 14.43
CA VAL A 501 -15.32 1.54 13.49
C VAL A 501 -14.99 0.05 13.36
N PRO A 502 -14.99 -0.46 12.13
CA PRO A 502 -14.63 -1.88 11.99
C PRO A 502 -13.15 -2.16 12.25
N PRO A 503 -12.84 -3.39 12.70
CA PRO A 503 -11.44 -3.83 12.76
C PRO A 503 -10.83 -3.94 11.38
N PRO A 504 -9.51 -3.75 11.29
CA PRO A 504 -8.85 -3.87 9.98
C PRO A 504 -8.88 -5.30 9.44
N ASP A 505 -8.93 -5.45 8.12
CA ASP A 505 -8.63 -6.72 7.46
C ASP A 505 -7.20 -6.71 6.90
N PHE A 506 -6.30 -7.41 7.59
CA PHE A 506 -4.87 -7.39 7.28
C PHE A 506 -4.47 -8.39 6.19
N THR A 507 -5.41 -9.17 5.68
CA THR A 507 -5.07 -10.21 4.71
C THR A 507 -5.05 -9.69 3.27
N SER A 508 -5.78 -8.62 2.99
CA SER A 508 -5.80 -8.05 1.64
C SER A 508 -4.48 -7.31 1.35
N MET A 509 -4.35 -6.79 0.14
CA MET A 509 -3.09 -6.15 -0.26
C MET A 509 -2.77 -4.90 0.56
N VAL A 510 -3.78 -4.11 0.90
CA VAL A 510 -3.64 -3.05 1.89
C VAL A 510 -4.52 -3.36 3.09
N THR A 511 -4.38 -2.61 4.18
CA THR A 511 -5.13 -2.93 5.40
C THR A 511 -6.51 -2.29 5.46
N LEU A 512 -7.39 -2.80 4.61
CA LEU A 512 -8.79 -2.41 4.52
C LEU A 512 -9.60 -2.60 5.78
N PRO A 513 -10.65 -1.77 5.95
CA PRO A 513 -11.66 -2.08 6.95
C PRO A 513 -12.39 -3.39 6.61
N THR A 514 -12.71 -4.18 7.63
CA THR A 514 -13.54 -5.34 7.41
C THR A 514 -14.94 -4.87 7.02
N GLY A 515 -15.40 -5.32 5.85
CA GLY A 515 -16.70 -4.93 5.36
C GLY A 515 -17.75 -6.01 5.57
N PRO A 516 -19.03 -5.70 5.25
CA PRO A 516 -19.51 -4.36 4.87
C PRO A 516 -19.38 -3.35 6.01
N ALA A 517 -18.88 -2.18 5.66
CA ALA A 517 -18.65 -1.09 6.60
C ALA A 517 -19.58 0.03 6.19
N LYS A 518 -20.72 0.14 6.85
CA LYS A 518 -21.79 1.00 6.35
C LYS A 518 -21.91 2.28 7.13
N ILE A 519 -22.19 3.36 6.41
CA ILE A 519 -22.57 4.61 7.08
C ILE A 519 -23.84 5.16 6.47
N ILE A 520 -24.53 5.98 7.25
CA ILE A 520 -25.74 6.67 6.84
C ILE A 520 -25.42 8.13 6.59
N TRP A 521 -25.67 8.61 5.38
CA TRP A 521 -25.44 10.02 5.08
C TRP A 521 -26.73 10.81 5.03
N GLU A 522 -26.62 12.12 5.23
CA GLU A 522 -27.72 13.02 4.98
C GLU A 522 -27.18 14.36 4.48
N LYS A 523 -27.94 14.98 3.59
CA LYS A 523 -27.55 16.27 3.00
C LYS A 523 -27.65 17.40 4.02
N ARG A 524 -26.64 18.27 4.06
CA ARG A 524 -26.70 19.45 4.92
C ARG A 524 -27.71 20.42 4.35
N ASN A 525 -27.85 20.41 3.03
CA ASN A 525 -28.84 21.23 2.38
C ASN A 525 -29.69 20.35 1.45
N PRO A 526 -30.80 19.80 1.98
CA PRO A 526 -31.74 18.93 1.28
C PRO A 526 -32.14 19.44 -0.11
N GLU A 527 -32.27 20.77 -0.24
CA GLU A 527 -32.73 21.38 -1.49
C GLU A 527 -31.62 21.65 -2.52
N GLN A 528 -30.36 21.51 -2.09
CA GLN A 528 -29.22 21.76 -2.97
C GLN A 528 -29.26 20.81 -4.17
N LYS A 529 -29.04 21.35 -5.35
CA LYS A 529 -29.00 20.56 -6.59
C LYS A 529 -27.62 20.57 -7.21
N ILE A 530 -27.22 19.45 -7.80
CA ILE A 530 -25.99 19.42 -8.59
C ILE A 530 -26.38 19.50 -10.07
N GLY A 531 -25.91 20.55 -10.75
CA GLY A 531 -26.24 20.78 -12.16
C GLY A 531 -25.52 19.84 -13.10
N GLY A 532 -25.62 20.09 -14.40
CA GLY A 532 -25.00 19.24 -15.41
C GLY A 532 -25.94 18.16 -15.95
N ARG A 533 -25.61 17.62 -17.12
CA ARG A 533 -26.50 16.66 -17.78
C ARG A 533 -26.24 15.22 -17.34
N HIS A 534 -27.31 14.45 -17.19
CA HIS A 534 -27.18 13.05 -16.80
C HIS A 534 -28.25 12.17 -17.46
CHA HEM B . 6.15 3.85 -2.25
CHB HEM B . 2.78 4.58 1.19
CHC HEM B . -0.09 6.71 -2.09
CHD HEM B . 3.10 5.64 -5.62
C1A HEM B . 5.49 3.86 -1.04
C2A HEM B . 6.02 3.36 0.22
C3A HEM B . 5.09 3.59 1.17
C4A HEM B . 3.95 4.21 0.54
CMA HEM B . 5.21 3.20 2.66
CAA HEM B . 7.40 2.72 0.47
CBA HEM B . 7.35 1.26 -0.03
CGA HEM B . 8.56 0.44 0.37
O1A HEM B . 8.58 -0.80 0.08
O2A HEM B . 9.48 0.99 1.03
C1B HEM B . 1.73 5.26 0.62
C2B HEM B . 0.57 5.80 1.30
C3B HEM B . -0.21 6.38 0.37
C4B HEM B . 0.43 6.23 -0.91
CMB HEM B . 0.37 5.72 2.84
CAB HEM B . -1.57 7.14 0.45
CBB HEM B . -2.24 7.29 1.58
C1C HEM B . 0.52 6.63 -3.31
C2C HEM B . 0.05 7.22 -4.54
C3C HEM B . 0.93 6.91 -5.50
C4C HEM B . 2.00 6.14 -4.93
CMC HEM B . -1.26 8.03 -4.67
CAC HEM B . 0.91 7.30 -7.00
CBC HEM B . 0.11 8.25 -7.50
C1D HEM B . 4.24 5.11 -5.07
C2D HEM B . 5.48 4.80 -5.79
C3D HEM B . 6.43 4.25 -4.71
C4D HEM B . 5.68 4.27 -3.47
CMD HEM B . 5.77 4.99 -7.30
CAD HEM B . 7.90 3.78 -4.90
CBD HEM B . 8.10 2.30 -4.72
CGD HEM B . 9.59 2.00 -4.82
O1D HEM B . 10.39 2.94 -5.06
O2D HEM B . 9.96 0.82 -4.63
NA HEM B . 4.22 4.36 -0.81
NB HEM B . 1.59 5.52 -0.73
NC HEM B . 1.73 5.99 -3.57
ND HEM B . 4.41 4.78 -3.74
FE HEM B . 3.01 5.22 -2.20
C5 5L9 C . 4.18 -3.50 0.36
C6 5L9 C . 2.94 -4.04 0.63
C2 5L9 C . 2.22 -3.44 -1.57
C4 5L9 C . 4.42 -2.93 -0.87
C1 5L9 C . 1.94 -4.01 -0.33
C3 5L9 C . 3.45 -2.89 -1.87
CL1 5L9 C . 0.96 -3.46 -2.78
C12 5L9 C . 3.74 -2.27 -3.22
C15 5L9 C . 3.55 -0.76 -3.34
O16 5L9 C . 4.51 -0.14 -2.46
C17 5L9 C . 3.80 -0.21 -4.73
C18 5L9 C . 5.15 -0.09 -5.41
C19 5L9 C . 4.36 1.14 -5.05
CL2 5L9 C . 2.54 -0.72 -5.92
C25 5L9 C . 2.15 -0.39 -2.86
N28 5L9 C . 1.96 1.06 -2.89
N29 5L9 C . 1.08 1.64 -3.75
C30 5L9 C . 1.27 2.91 -3.52
N31 5L9 C . 2.20 3.19 -2.58
C32 5L9 C . 2.60 2.00 -2.21
#